data_5AZE
#
_entry.id   5AZE
#
_cell.length_a   45.470
_cell.length_b   79.860
_cell.length_c   116.250
_cell.angle_alpha   90.000
_cell.angle_beta   90.000
_cell.angle_gamma   90.000
#
_symmetry.space_group_name_H-M   'P 21 21 21'
#
loop_
_entity.id
_entity.type
_entity.pdbx_description
1 polymer '6RL#9 FAB LIGHT CHAIN'
2 polymer '6RL#9 FAB HEAVY CHAIN'
3 non-polymer 'CALCIUM ION'
4 water water
#
loop_
_entity_poly.entity_id
_entity_poly.type
_entity_poly.pdbx_seq_one_letter_code
_entity_poly.pdbx_strand_id
1 'polypeptide(L)'
;QSVLTQPPSVSGAPGQRVTISCTGSRSNMGAGYDVHWYQLLPGAAPKLLISHNTHRPSGVPDRFSGSKSGASASLAITGL
QAEDEADYYCQSHDSSLSAVVFGGGTKLTVLSQPKAAPSVTLFPPSSEELQANKATLVCLISDFYPGAVTVAWKADSSPV
KAGVETTTPSKQSNNKYAASSYLSLTPEQWKSHRSYSCQVTHEGSTVEKTVAPTECS
;
L
2 'polypeptide(L)'
;(PCA)VQLVQSGAEVKKPGASVKVSCKASGYTFTSYYMHWVRQAPGQGLEWMGIINPSGGSTSYAQKFQGRVTMTRDTST
STVYMELSSLRSEDTAVYYCARDDPGGGEYYFDYWGQGTLVTVSSASTKGPSVFPLAPSSKSTSGGTAALGCLVKDYFPE
PVTVSWNSGALTSGVHTFPAVLQSSGLYSLSSVVTVPSSSLGTQTYICNVNHKPSNTKVDKKVEPKSCDKTHT
;
H
#
loop_
_chem_comp.id
_chem_comp.type
_chem_comp.name
_chem_comp.formula
CA non-polymer 'CALCIUM ION' 'Ca 2'
#
# COMPACT_ATOMS: atom_id res chain seq x y z
N SER A 2 -19.28 8.31 17.21
CA SER A 2 -19.45 8.44 15.73
C SER A 2 -18.12 8.38 14.97
N VAL A 3 -17.06 8.94 15.56
CA VAL A 3 -15.71 8.93 14.98
C VAL A 3 -14.67 8.50 16.03
N LEU A 4 -13.81 7.56 15.65
CA LEU A 4 -12.70 7.10 16.49
C LEU A 4 -11.38 7.64 15.94
N THR A 5 -10.62 8.30 16.80
CA THR A 5 -9.35 8.92 16.42
C THR A 5 -8.17 8.20 17.06
N GLN A 6 -7.28 7.70 16.21
CA GLN A 6 -6.00 7.13 16.64
C GLN A 6 -4.84 7.72 15.82
N PRO A 7 -3.65 7.89 16.45
CA PRO A 7 -2.52 8.49 15.71
C PRO A 7 -2.05 7.57 14.57
N PRO A 8 -1.59 8.15 13.43
CA PRO A 8 -1.20 7.29 12.30
C PRO A 8 0.10 6.52 12.55
N SER A 9 0.95 7.04 13.46
CA SER A 9 2.27 6.50 13.72
C SER A 9 2.60 6.53 15.21
N VAL A 10 3.03 5.37 15.73
CA VAL A 10 3.61 5.25 17.06
C VAL A 10 4.89 4.42 16.90
N SER A 11 5.94 4.77 17.65
CA SER A 11 7.17 3.99 17.66
C SER A 11 7.71 3.76 19.07
N GLY A 12 8.53 2.71 19.19
CA GLY A 12 9.25 2.40 20.41
C GLY A 12 10.37 1.40 20.13
N ALA A 13 11.32 1.32 21.05
CA ALA A 13 12.45 0.40 20.93
C ALA A 13 12.09 -0.98 21.51
N PRO A 14 12.80 -2.07 21.08
CA PRO A 14 12.62 -3.40 21.67
C PRO A 14 12.77 -3.42 23.19
N GLY A 15 11.90 -4.17 23.86
CA GLY A 15 11.92 -4.31 25.32
C GLY A 15 11.20 -3.23 26.10
N GLN A 16 10.80 -2.17 25.41
CA GLN A 16 10.14 -1.01 26.03
C GLN A 16 8.62 -1.14 25.98
N ARG A 17 7.92 -0.26 26.69
CA ARG A 17 6.46 -0.21 26.66
C ARG A 17 5.96 0.91 25.75
N VAL A 18 5.00 0.58 24.90
CA VAL A 18 4.33 1.55 24.02
C VAL A 18 2.81 1.55 24.22
N THR A 19 2.18 2.70 24.00
CA THR A 19 0.72 2.82 24.03
C THR A 19 0.16 3.38 22.73
N ILE A 20 -1.02 2.91 22.36
CA ILE A 20 -1.77 3.41 21.21
C ILE A 20 -3.14 3.85 21.72
N SER A 21 -3.44 5.12 21.55
CA SER A 21 -4.70 5.71 22.03
C SER A 21 -5.75 5.70 20.95
N CYS A 22 -7.00 5.46 21.36
CA CYS A 22 -8.17 5.55 20.51
C CYS A 22 -9.20 6.39 21.26
N THR A 23 -9.53 7.55 20.69
CA THR A 23 -10.45 8.51 21.31
C THR A 23 -11.75 8.59 20.50
N GLY A 24 -12.88 8.48 21.21
CA GLY A 24 -14.20 8.57 20.60
C GLY A 24 -15.06 9.67 21.21
N ASP A 34 -17.76 0.62 23.94
CA ASP A 34 -16.77 -0.46 24.00
C ASP A 34 -15.83 -0.45 22.80
N VAL A 35 -14.54 -0.62 23.06
CA VAL A 35 -13.51 -0.59 22.01
C VAL A 35 -12.87 -1.96 21.82
N HIS A 36 -12.78 -2.38 20.56
CA HIS A 36 -12.09 -3.62 20.17
C HIS A 36 -10.86 -3.30 19.33
N TRP A 37 -9.79 -4.07 19.55
CA TRP A 37 -8.51 -3.85 18.85
C TRP A 37 -8.15 -5.00 17.92
N TYR A 38 -7.76 -4.64 16.69
CA TYR A 38 -7.33 -5.61 15.68
C TYR A 38 -5.88 -5.35 15.25
N GLN A 39 -5.12 -6.43 15.12
CA GLN A 39 -3.77 -6.38 14.57
C GLN A 39 -3.78 -6.86 13.13
N LEU A 40 -3.19 -6.04 12.26
CA LEU A 40 -3.06 -6.35 10.84
C LEU A 40 -1.59 -6.53 10.48
N LEU A 41 -1.20 -7.79 10.33
CA LEU A 41 0.10 -8.18 9.80
C LEU A 41 -0.06 -8.53 8.32
N PRO A 42 0.96 -8.23 7.49
CA PRO A 42 0.87 -8.57 6.05
C PRO A 42 0.79 -10.08 5.79
N GLY A 43 -0.03 -10.47 4.81
CA GLY A 43 -0.22 -11.87 4.44
C GLY A 43 -1.05 -12.67 5.44
N ALA A 44 -1.86 -11.96 6.22
CA ALA A 44 -2.73 -12.58 7.22
C ALA A 44 -4.02 -11.77 7.42
N ALA A 45 -5.06 -12.44 7.90
CA ALA A 45 -6.33 -11.79 8.26
C ALA A 45 -6.16 -10.90 9.50
N PRO A 46 -6.99 -9.83 9.64
CA PRO A 46 -6.98 -9.07 10.89
C PRO A 46 -7.28 -9.97 12.07
N LYS A 47 -6.52 -9.82 13.16
CA LYS A 47 -6.80 -10.60 14.36
C LYS A 47 -7.12 -9.75 15.59
N LEU A 48 -8.15 -10.19 16.31
CA LEU A 48 -8.63 -9.53 17.51
C LEU A 48 -7.63 -9.76 18.65
N LEU A 49 -7.13 -8.67 19.21
CA LEU A 49 -6.18 -8.73 20.33
C LEU A 49 -6.86 -8.44 21.65
N ILE A 50 -7.75 -7.44 21.64
CA ILE A 50 -8.51 -6.99 22.80
C ILE A 50 -9.95 -6.75 22.33
N SER A 51 -10.92 -7.21 23.12
CA SER A 51 -12.33 -6.87 22.93
C SER A 51 -12.89 -6.23 24.19
N HIS A 52 -13.98 -5.48 24.04
CA HIS A 52 -14.69 -4.82 25.16
C HIS A 52 -13.74 -4.09 26.13
N ASN A 53 -12.88 -3.25 25.56
CA ASN A 53 -11.91 -2.42 26.31
C ASN A 53 -10.71 -3.15 26.91
N THR A 54 -10.97 -4.24 27.63
CA THR A 54 -9.97 -4.87 28.49
C THR A 54 -9.78 -6.38 28.30
N HIS A 55 -10.71 -7.02 27.58
CA HIS A 55 -10.66 -8.49 27.44
C HIS A 55 -9.65 -8.97 26.42
N ARG A 56 -8.70 -9.77 26.89
CA ARG A 56 -7.71 -10.43 26.04
C ARG A 56 -8.16 -11.87 25.77
N PRO A 57 -8.54 -12.18 24.51
CA PRO A 57 -8.94 -13.54 24.15
C PRO A 57 -7.82 -14.55 24.31
N SER A 58 -8.20 -15.81 24.52
CA SER A 58 -7.27 -16.93 24.60
C SER A 58 -6.46 -17.04 23.31
N GLY A 59 -5.15 -17.20 23.45
CA GLY A 59 -4.24 -17.25 22.31
C GLY A 59 -3.41 -15.99 22.11
N VAL A 60 -3.91 -14.86 22.59
CA VAL A 60 -3.20 -13.58 22.49
C VAL A 60 -2.13 -13.52 23.58
N PRO A 61 -0.86 -13.22 23.21
CA PRO A 61 0.23 -13.08 24.20
C PRO A 61 -0.10 -12.07 25.28
N ASP A 62 0.37 -12.33 26.51
CA ASP A 62 0.01 -11.51 27.66
C ASP A 62 0.67 -10.12 27.69
N ARG A 63 1.57 -9.86 26.74
CA ARG A 63 2.23 -8.56 26.61
C ARG A 63 1.31 -7.46 26.06
N PHE A 64 0.22 -7.87 25.41
CA PHE A 64 -0.83 -6.97 24.95
C PHE A 64 -1.86 -6.79 26.07
N SER A 65 -2.26 -5.55 26.31
CA SER A 65 -3.33 -5.23 27.25
C SER A 65 -4.09 -3.98 26.81
N GLY A 66 -5.37 -3.93 27.17
CA GLY A 66 -6.23 -2.79 26.87
C GLY A 66 -6.84 -2.15 28.10
N SER A 67 -7.06 -0.84 28.02
CA SER A 67 -7.72 -0.07 29.08
C SER A 67 -8.59 1.05 28.49
N LYS A 68 -9.47 1.63 29.31
CA LYS A 68 -10.33 2.75 28.90
C LYS A 68 -10.70 3.66 30.08
N SER A 69 -10.43 4.96 29.91
CA SER A 69 -10.87 6.01 30.83
C SER A 69 -11.66 7.05 30.05
N GLY A 70 -12.98 7.09 30.29
CA GLY A 70 -13.88 8.02 29.62
C GLY A 70 -14.05 7.74 28.14
N ALA A 71 -13.65 8.72 27.32
CA ALA A 71 -13.72 8.62 25.86
C ALA A 71 -12.44 8.04 25.24
N SER A 72 -11.43 7.83 26.09
CA SER A 72 -10.09 7.42 25.65
C SER A 72 -9.79 5.94 25.97
N ALA A 73 -9.67 5.15 24.90
CA ALA A 73 -9.22 3.76 25.00
C ALA A 73 -7.73 3.66 24.65
N SER A 74 -7.04 2.71 25.27
CA SER A 74 -5.60 2.56 25.07
C SER A 74 -5.19 1.10 24.95
N LEU A 75 -4.43 0.80 23.89
CA LEU A 75 -3.77 -0.51 23.74
C LEU A 75 -2.30 -0.39 24.10
N ALA A 76 -1.88 -1.23 25.04
CA ALA A 76 -0.51 -1.22 25.53
C ALA A 76 0.22 -2.52 25.18
N ILE A 77 1.46 -2.38 24.76
CA ILE A 77 2.35 -3.52 24.54
C ILE A 77 3.58 -3.34 25.44
N THR A 78 3.76 -4.28 26.37
CA THR A 78 4.94 -4.30 27.25
C THR A 78 5.98 -5.27 26.72
N GLY A 79 7.26 -4.95 26.93
CA GLY A 79 8.38 -5.75 26.42
C GLY A 79 8.25 -5.92 24.91
N LEU A 80 8.21 -4.78 24.21
CA LEU A 80 7.96 -4.71 22.78
C LEU A 80 8.93 -5.56 21.97
N GLN A 81 8.38 -6.29 21.00
CA GLN A 81 9.18 -7.14 20.12
C GLN A 81 9.12 -6.57 18.72
N ALA A 82 10.18 -6.82 17.94
CA ALA A 82 10.24 -6.39 16.53
C ALA A 82 9.11 -6.96 15.68
N GLU A 83 8.67 -8.16 16.03
CA GLU A 83 7.56 -8.86 15.36
C GLU A 83 6.18 -8.23 15.60
N ASP A 84 6.09 -7.33 16.58
CA ASP A 84 4.84 -6.59 16.87
C ASP A 84 4.58 -5.43 15.89
N GLU A 85 5.57 -5.16 15.03
CA GLU A 85 5.46 -4.20 13.93
C GLU A 85 4.30 -4.58 13.01
N ALA A 86 3.29 -3.70 12.97
CA ALA A 86 1.99 -3.97 12.32
C ALA A 86 1.10 -2.74 12.35
N ASP A 87 -0.03 -2.81 11.63
CA ASP A 87 -1.09 -1.83 11.74
C ASP A 87 -2.10 -2.27 12.82
N TYR A 88 -2.45 -1.32 13.70
CA TYR A 88 -3.40 -1.56 14.77
C TYR A 88 -4.65 -0.71 14.60
N TYR A 89 -5.81 -1.36 14.59
CA TYR A 89 -7.09 -0.71 14.37
C TYR A 89 -8.00 -0.85 15.58
N CYS A 90 -8.51 0.29 16.06
CA CYS A 90 -9.58 0.27 17.06
C CYS A 90 -10.94 0.31 16.37
N GLN A 91 -11.93 -0.28 17.04
CA GLN A 91 -13.25 -0.50 16.45
C GLN A 91 -14.34 -0.41 17.52
N SER A 92 -15.46 0.22 17.16
CA SER A 92 -16.64 0.33 18.01
C SER A 92 -17.94 0.00 17.28
N HIS A 93 -19.01 -0.18 18.07
CA HIS A 93 -20.38 -0.32 17.59
C HIS A 93 -21.14 0.95 17.99
N ASP A 94 -21.38 1.81 17.01
CA ASP A 94 -22.18 3.02 17.21
C ASP A 94 -23.68 2.67 17.14
N SER A 95 -24.29 2.53 18.32
CA SER A 95 -25.68 2.08 18.44
C SER A 95 -26.73 3.08 17.96
N SER A 96 -26.39 4.37 17.99
CA SER A 96 -27.26 5.45 17.48
C SER A 96 -27.50 5.39 15.97
N LEU A 97 -26.47 4.96 15.24
CA LEU A 97 -26.54 4.80 13.78
C LEU A 97 -26.62 3.33 13.33
N SER A 98 -26.52 2.41 14.29
CA SER A 98 -26.45 0.94 14.06
C SER A 98 -25.34 0.57 13.06
N ALA A 99 -24.13 1.07 13.33
CA ALA A 99 -23.00 0.96 12.43
C ALA A 99 -21.68 0.65 13.16
N VAL A 100 -20.81 -0.09 12.48
CA VAL A 100 -19.43 -0.33 12.92
C VAL A 100 -18.60 0.90 12.51
N VAL A 101 -17.81 1.40 13.47
CA VAL A 101 -16.90 2.52 13.25
C VAL A 101 -15.46 2.05 13.52
N PHE A 102 -14.55 2.38 12.61
CA PHE A 102 -13.12 2.10 12.75
C PHE A 102 -12.32 3.37 12.95
N GLY A 103 -11.26 3.28 13.77
CA GLY A 103 -10.22 4.30 13.80
C GLY A 103 -9.37 4.22 12.54
N GLY A 104 -8.61 5.28 12.25
CA GLY A 104 -7.81 5.39 11.03
C GLY A 104 -6.64 4.43 10.88
N GLY A 105 -6.33 3.71 11.95
CA GLY A 105 -5.18 2.78 11.97
C GLY A 105 -3.93 3.44 12.50
N THR A 106 -3.19 2.68 13.29
CA THR A 106 -1.88 3.10 13.80
C THR A 106 -0.83 2.10 13.31
N LYS A 107 0.14 2.62 12.55
CA LYS A 107 1.32 1.84 12.19
C LYS A 107 2.29 1.88 13.37
N LEU A 108 2.62 0.70 13.89
CA LEU A 108 3.62 0.58 14.94
C LEU A 108 4.96 0.20 14.36
N THR A 109 5.94 1.08 14.57
CA THR A 109 7.34 0.86 14.18
C THR A 109 8.12 0.42 15.42
N VAL A 110 8.90 -0.64 15.27
CA VAL A 110 9.83 -1.07 16.32
C VAL A 110 11.24 -0.73 15.87
N LEU A 111 11.87 0.21 16.57
CA LEU A 111 13.17 0.77 16.18
C LEU A 111 14.31 -0.21 16.50
N SER A 112 14.58 -1.10 15.55
CA SER A 112 15.50 -2.24 15.75
C SER A 112 16.92 -2.04 15.18
N GLN A 113 17.16 -0.86 14.61
CA GLN A 113 18.51 -0.44 14.16
C GLN A 113 18.62 1.10 14.25
N PRO A 114 19.86 1.65 14.29
CA PRO A 114 19.99 3.12 14.39
C PRO A 114 19.49 3.89 13.17
N LYS A 115 19.24 5.18 13.36
CA LYS A 115 18.94 6.11 12.26
C LYS A 115 19.93 6.01 11.11
N ALA A 116 19.38 5.96 9.90
CA ALA A 116 20.16 6.05 8.67
C ALA A 116 19.45 6.99 7.71
N ALA A 117 20.14 8.07 7.33
CA ALA A 117 19.59 9.07 6.42
C ALA A 117 19.41 8.50 5.00
N PRO A 118 18.39 8.95 4.25
CA PRO A 118 18.21 8.49 2.87
C PRO A 118 19.21 9.10 1.91
N SER A 119 19.66 8.31 0.93
CA SER A 119 20.31 8.85 -0.25
C SER A 119 19.22 9.09 -1.28
N VAL A 120 19.24 10.28 -1.88
CA VAL A 120 18.25 10.67 -2.87
C VAL A 120 18.92 10.80 -4.23
N THR A 121 18.33 10.14 -5.23
CA THR A 121 18.80 10.22 -6.61
C THR A 121 17.64 10.60 -7.52
N LEU A 122 17.80 11.73 -8.21
CA LEU A 122 16.78 12.25 -9.10
C LEU A 122 17.16 12.01 -10.56
N PHE A 123 16.34 11.22 -11.25
CA PHE A 123 16.53 10.90 -12.65
C PHE A 123 15.69 11.81 -13.55
N PRO A 124 16.32 12.41 -14.59
CA PRO A 124 15.59 13.18 -15.59
C PRO A 124 14.76 12.25 -16.50
N PRO A 125 13.82 12.80 -17.30
CA PRO A 125 13.15 11.94 -18.29
C PRO A 125 14.14 11.41 -19.33
N SER A 126 13.89 10.19 -19.80
CA SER A 126 14.73 9.59 -20.85
C SER A 126 14.43 10.22 -22.22
N SER A 127 15.41 10.12 -23.11
CA SER A 127 15.25 10.47 -24.54
C SER A 127 14.05 9.73 -25.14
N GLU A 128 13.94 8.44 -24.84
CA GLU A 128 12.86 7.57 -25.34
C GLU A 128 11.47 8.04 -24.90
N GLU A 129 11.32 8.42 -23.63
CA GLU A 129 10.04 8.95 -23.15
C GLU A 129 9.66 10.26 -23.85
N LEU A 130 10.63 11.15 -24.03
CA LEU A 130 10.41 12.43 -24.71
C LEU A 130 9.99 12.26 -26.19
N GLN A 131 10.51 11.22 -26.84
CA GLN A 131 10.04 10.81 -28.19
C GLN A 131 8.54 10.48 -28.20
N ALA A 132 8.05 9.85 -27.14
CA ALA A 132 6.63 9.51 -26.99
C ALA A 132 5.78 10.69 -26.47
N ASN A 133 6.35 11.91 -26.50
CA ASN A 133 5.71 13.16 -26.04
C ASN A 133 5.25 13.16 -24.57
N LYS A 134 6.06 12.52 -23.72
CA LYS A 134 5.82 12.45 -22.28
C LYS A 134 7.13 12.72 -21.55
N ALA A 135 7.01 13.03 -20.25
CA ALA A 135 8.18 13.19 -19.39
C ALA A 135 7.83 12.82 -17.94
N THR A 136 8.63 11.93 -17.36
CA THR A 136 8.51 11.54 -15.97
C THR A 136 9.84 11.76 -15.26
N LEU A 137 9.77 12.39 -14.10
CA LEU A 137 10.92 12.51 -13.21
C LEU A 137 10.82 11.43 -12.14
N VAL A 138 11.92 10.73 -11.89
CA VAL A 138 11.94 9.64 -10.92
C VAL A 138 12.89 9.97 -9.78
N CYS A 139 12.32 10.10 -8.58
CA CYS A 139 13.08 10.35 -7.38
C CYS A 139 13.24 9.05 -6.60
N LEU A 140 14.46 8.53 -6.60
CA LEU A 140 14.81 7.31 -5.87
C LEU A 140 15.35 7.68 -4.49
N ILE A 141 14.74 7.08 -3.46
CA ILE A 141 15.09 7.30 -2.06
C ILE A 141 15.50 5.94 -1.48
N SER A 142 16.72 5.83 -0.97
CA SER A 142 17.24 4.52 -0.53
C SER A 142 18.11 4.53 0.73
N ASP A 143 18.24 3.36 1.35
CA ASP A 143 19.10 3.10 2.51
C ASP A 143 18.75 3.90 3.79
N PHE A 144 17.45 4.16 3.97
CA PHE A 144 16.99 4.88 5.16
C PHE A 144 16.32 4.00 6.22
N TYR A 145 16.43 4.42 7.48
CA TYR A 145 15.75 3.82 8.62
C TYR A 145 15.46 4.90 9.68
N PRO A 146 14.23 4.97 10.24
CA PRO A 146 13.11 4.05 9.96
C PRO A 146 12.41 4.29 8.62
N GLY A 147 11.48 3.40 8.27
CA GLY A 147 10.80 3.41 6.97
C GLY A 147 9.64 4.37 6.84
N ALA A 148 9.93 5.67 6.98
CA ALA A 148 8.95 6.73 6.80
C ALA A 148 9.61 7.99 6.25
N VAL A 149 9.09 8.47 5.12
CA VAL A 149 9.53 9.74 4.50
C VAL A 149 8.34 10.57 4.00
N THR A 150 8.56 11.89 3.89
CA THR A 150 7.65 12.80 3.20
C THR A 150 8.38 13.33 1.95
N VAL A 151 7.67 13.30 0.81
CA VAL A 151 8.23 13.78 -0.46
C VAL A 151 7.46 15.00 -0.95
N ALA A 152 8.20 16.04 -1.31
CA ALA A 152 7.64 17.25 -1.91
C ALA A 152 8.40 17.62 -3.18
N TRP A 153 7.66 17.87 -4.25
CA TRP A 153 8.22 18.24 -5.55
C TRP A 153 8.15 19.75 -5.78
N LYS A 154 9.15 20.28 -6.47
CA LYS A 154 9.23 21.71 -6.76
C LYS A 154 9.49 22.01 -8.22
N ALA A 155 8.73 22.97 -8.75
CA ALA A 155 8.99 23.58 -10.05
C ALA A 155 9.72 24.88 -9.76
N ASP A 156 11.01 24.91 -10.12
CA ASP A 156 11.97 25.93 -9.66
C ASP A 156 11.95 26.05 -8.13
N SER A 157 11.08 26.92 -7.60
CA SER A 157 10.92 27.14 -6.16
C SER A 157 9.52 26.84 -5.64
N SER A 158 8.54 26.82 -6.55
CA SER A 158 7.12 26.63 -6.20
C SER A 158 6.73 25.15 -6.08
N PRO A 159 5.87 24.81 -5.11
CA PRO A 159 5.43 23.41 -4.93
C PRO A 159 4.60 22.90 -6.09
N VAL A 160 4.84 21.66 -6.49
CA VAL A 160 4.03 20.98 -7.50
C VAL A 160 2.93 20.23 -6.78
N LYS A 161 1.69 20.51 -7.14
CA LYS A 161 0.53 19.91 -6.45
C LYS A 161 -0.17 18.77 -7.18
N ALA A 162 0.22 18.51 -8.44
CA ALA A 162 -0.40 17.44 -9.24
C ALA A 162 0.60 16.65 -10.07
N GLY A 163 0.18 15.45 -10.49
CA GLY A 163 1.02 14.54 -11.28
C GLY A 163 2.07 13.81 -10.47
N VAL A 164 1.86 13.75 -9.15
CA VAL A 164 2.79 13.10 -8.22
C VAL A 164 2.23 11.75 -7.76
N GLU A 165 3.05 10.70 -7.89
CA GLU A 165 2.78 9.37 -7.31
C GLU A 165 3.98 8.96 -6.46
N THR A 166 3.71 8.48 -5.25
CA THR A 166 4.76 8.08 -4.30
C THR A 166 4.40 6.73 -3.67
N THR A 167 5.38 5.83 -3.63
CA THR A 167 5.22 4.51 -3.01
C THR A 167 5.46 4.56 -1.50
N THR A 168 4.71 3.73 -0.77
CA THR A 168 4.95 3.44 0.65
C THR A 168 6.30 2.73 0.76
N PRO A 169 7.17 3.17 1.73
CA PRO A 169 8.49 2.56 1.87
C PRO A 169 8.47 1.04 1.93
N SER A 170 9.35 0.43 1.12
CA SER A 170 9.52 -1.02 1.07
C SER A 170 10.91 -1.41 1.57
N LYS A 171 10.99 -2.59 2.19
CA LYS A 171 12.25 -3.07 2.76
C LYS A 171 13.21 -3.57 1.68
N GLN A 172 14.45 -3.08 1.73
CA GLN A 172 15.51 -3.55 0.85
C GLN A 172 16.08 -4.88 1.36
N SER A 173 16.89 -5.54 0.53
CA SER A 173 17.55 -6.80 0.90
C SER A 173 18.57 -6.65 2.04
N ASN A 174 19.10 -5.43 2.22
CA ASN A 174 19.98 -5.10 3.36
C ASN A 174 19.22 -4.67 4.65
N ASN A 175 17.89 -4.78 4.62
CA ASN A 175 16.98 -4.45 5.73
C ASN A 175 16.74 -2.96 6.04
N LYS A 176 17.42 -2.09 5.32
CA LYS A 176 17.07 -0.66 5.30
C LYS A 176 15.90 -0.48 4.33
N TYR A 177 15.32 0.71 4.27
CA TYR A 177 14.14 0.97 3.44
C TYR A 177 14.45 1.78 2.18
N ALA A 178 13.60 1.58 1.17
CA ALA A 178 13.62 2.38 -0.05
C ALA A 178 12.23 2.93 -0.37
N ALA A 179 12.20 4.08 -1.05
CA ALA A 179 10.97 4.68 -1.54
C ALA A 179 11.19 5.30 -2.93
N SER A 180 10.12 5.41 -3.69
CA SER A 180 10.16 6.04 -5.02
C SER A 180 9.02 7.05 -5.17
N SER A 181 9.32 8.13 -5.89
CA SER A 181 8.32 9.14 -6.26
C SER A 181 8.47 9.53 -7.73
N TYR A 182 7.33 9.80 -8.36
CA TYR A 182 7.25 10.12 -9.79
C TYR A 182 6.53 11.43 -10.02
N LEU A 183 7.14 12.29 -10.83
CA LEU A 183 6.48 13.50 -11.30
C LEU A 183 6.22 13.43 -12.79
N SER A 184 4.94 13.40 -13.16
CA SER A 184 4.51 13.39 -14.56
C SER A 184 4.34 14.82 -15.06
N LEU A 185 4.93 15.09 -16.22
CA LEU A 185 4.85 16.41 -16.87
C LEU A 185 4.98 16.33 -18.39
N THR A 186 4.78 17.46 -19.06
CA THR A 186 4.87 17.55 -20.52
C THR A 186 6.31 17.88 -20.93
N PRO A 187 6.73 17.49 -22.16
CA PRO A 187 8.09 17.83 -22.64
C PRO A 187 8.41 19.32 -22.60
N GLU A 188 7.39 20.15 -22.85
CA GLU A 188 7.52 21.62 -22.81
C GLU A 188 7.77 22.15 -21.39
N GLN A 189 7.08 21.59 -20.40
CA GLN A 189 7.30 21.91 -18.97
C GLN A 189 8.72 21.60 -18.51
N TRP A 190 9.26 20.47 -18.99
CA TRP A 190 10.66 20.07 -18.76
C TRP A 190 11.65 21.08 -19.36
N LYS A 191 11.25 21.69 -20.47
CA LYS A 191 12.05 22.73 -21.14
C LYS A 191 11.70 24.17 -20.71
N SER A 192 10.51 24.37 -20.14
CA SER A 192 10.03 25.69 -19.70
C SER A 192 10.79 26.19 -18.49
N HIS A 193 10.78 25.38 -17.43
CA HIS A 193 11.43 25.70 -16.17
C HIS A 193 12.93 25.50 -16.28
N ARG A 194 13.68 26.25 -15.46
CA ARG A 194 15.13 26.09 -15.34
C ARG A 194 15.47 24.74 -14.71
N SER A 195 14.71 24.36 -13.68
CA SER A 195 14.97 23.16 -12.89
C SER A 195 13.75 22.64 -12.13
N TYR A 196 13.77 21.34 -11.84
CA TYR A 196 12.81 20.69 -10.93
C TYR A 196 13.54 20.03 -9.77
N SER A 197 12.89 19.98 -8.61
CA SER A 197 13.49 19.45 -7.39
C SER A 197 12.66 18.37 -6.70
N CYS A 198 13.35 17.37 -6.14
CA CYS A 198 12.74 16.38 -5.25
C CYS A 198 13.26 16.63 -3.83
N GLN A 199 12.33 16.88 -2.92
CA GLN A 199 12.66 17.15 -1.52
C GLN A 199 12.13 16.03 -0.62
N VAL A 200 13.04 15.42 0.13
CA VAL A 200 12.73 14.27 0.97
C VAL A 200 12.97 14.63 2.44
N THR A 201 11.96 14.43 3.27
CA THR A 201 12.05 14.68 4.71
C THR A 201 12.05 13.35 5.48
N HIS A 202 13.10 13.14 6.25
CA HIS A 202 13.26 11.93 7.06
C HIS A 202 13.78 12.30 8.46
N GLU A 203 12.98 11.94 9.47
CA GLU A 203 13.26 12.21 10.89
C GLU A 203 13.71 13.66 11.14
N GLY A 204 12.93 14.61 10.64
CA GLY A 204 13.22 16.03 10.76
C GLY A 204 14.21 16.62 9.76
N SER A 205 15.02 15.77 9.13
CA SER A 205 16.08 16.20 8.20
C SER A 205 15.64 16.14 6.74
N THR A 206 16.00 17.17 5.99
CA THR A 206 15.61 17.34 4.58
C THR A 206 16.81 17.10 3.65
N VAL A 207 16.59 16.27 2.64
CA VAL A 207 17.56 16.04 1.56
C VAL A 207 16.90 16.40 0.22
N GLU A 208 17.51 17.33 -0.49
CA GLU A 208 16.97 17.82 -1.76
C GLU A 208 17.93 17.59 -2.93
N LYS A 209 17.36 17.17 -4.06
CA LYS A 209 18.11 16.98 -5.29
C LYS A 209 17.41 17.70 -6.44
N THR A 210 18.21 18.23 -7.36
CA THR A 210 17.73 18.98 -8.52
C THR A 210 18.34 18.42 -9.81
N VAL A 211 17.52 18.40 -10.86
CA VAL A 211 17.96 18.00 -12.20
C VAL A 211 17.48 19.01 -13.25
N ALA A 212 18.31 19.21 -14.28
CA ALA A 212 18.01 20.10 -15.39
C ALA A 212 18.26 19.36 -16.72
N PRO A 213 17.63 19.83 -17.83
CA PRO A 213 17.96 19.25 -19.15
C PRO A 213 19.46 19.27 -19.44
N THR A 214 19.97 18.15 -19.97
CA THR A 214 21.38 17.96 -20.30
C THR A 214 21.84 18.98 -21.35
N GLU A 215 23.02 19.56 -21.11
CA GLU A 215 23.60 20.56 -21.99
C GLU A 215 24.98 20.13 -22.48
N CYS A 216 25.15 20.12 -23.81
CA CYS A 216 26.35 19.61 -24.47
C CYS A 216 26.98 20.62 -25.43
N PCA B 1 -12.41 -27.16 10.64
CA PCA B 1 -12.20 -25.80 11.12
CB PCA B 1 -10.78 -25.47 10.67
CG PCA B 1 -10.42 -26.50 9.60
CD PCA B 1 -11.50 -27.54 9.75
OE PCA B 1 -11.49 -28.59 9.12
C PCA B 1 -13.12 -24.80 10.49
O PCA B 1 -13.65 -25.05 9.40
N VAL B 2 -13.33 -23.66 11.17
CA VAL B 2 -14.00 -22.50 10.58
C VAL B 2 -13.12 -21.97 9.44
N GLN B 3 -13.68 -21.91 8.24
CA GLN B 3 -12.96 -21.43 7.07
C GLN B 3 -13.86 -20.55 6.20
N LEU B 4 -13.28 -19.42 5.76
CA LEU B 4 -13.96 -18.47 4.87
C LEU B 4 -13.11 -18.25 3.62
N VAL B 5 -13.62 -18.75 2.49
CA VAL B 5 -12.89 -18.69 1.21
C VAL B 5 -13.57 -17.71 0.28
N GLN B 6 -12.82 -16.70 -0.13
CA GLN B 6 -13.32 -15.65 -1.00
C GLN B 6 -12.95 -15.90 -2.47
N SER B 7 -13.71 -15.28 -3.37
CA SER B 7 -13.47 -15.38 -4.82
C SER B 7 -12.25 -14.59 -5.25
N GLY B 8 -11.71 -14.92 -6.42
CA GLY B 8 -10.48 -14.33 -6.96
C GLY B 8 -10.55 -12.84 -7.30
N ALA B 9 -9.37 -12.24 -7.48
CA ALA B 9 -9.21 -10.82 -7.81
C ALA B 9 -9.94 -10.41 -9.08
N GLU B 10 -10.51 -9.22 -9.08
CA GLU B 10 -11.29 -8.74 -10.23
C GLU B 10 -10.91 -7.34 -10.70
N VAL B 11 -11.00 -7.17 -12.02
CA VAL B 11 -10.70 -5.92 -12.69
C VAL B 11 -11.99 -5.40 -13.32
N LYS B 12 -12.31 -4.13 -13.05
CA LYS B 12 -13.58 -3.53 -13.50
C LYS B 12 -13.42 -2.13 -14.07
N LYS B 13 -14.28 -1.81 -15.03
CA LYS B 13 -14.40 -0.48 -15.60
C LYS B 13 -15.29 0.38 -14.69
N PRO B 14 -15.07 1.72 -14.67
CA PRO B 14 -15.98 2.60 -13.92
C PRO B 14 -17.42 2.52 -14.43
N GLY B 15 -18.37 2.55 -13.50
CA GLY B 15 -19.79 2.41 -13.82
C GLY B 15 -20.30 0.98 -13.77
N ALA B 16 -19.39 0.01 -13.85
CA ALA B 16 -19.75 -1.41 -13.79
C ALA B 16 -20.09 -1.87 -12.37
N SER B 17 -20.46 -3.14 -12.22
CA SER B 17 -20.68 -3.74 -10.91
C SER B 17 -19.77 -4.94 -10.68
N VAL B 18 -19.52 -5.24 -9.40
CA VAL B 18 -18.72 -6.39 -9.01
C VAL B 18 -19.49 -7.24 -7.98
N LYS B 19 -19.42 -8.56 -8.13
CA LYS B 19 -19.97 -9.48 -7.14
C LYS B 19 -18.89 -10.39 -6.56
N VAL B 20 -18.62 -10.21 -5.27
CA VAL B 20 -17.61 -10.96 -4.53
C VAL B 20 -18.32 -12.01 -3.66
N SER B 21 -17.79 -13.23 -3.65
CA SER B 21 -18.37 -14.33 -2.86
C SER B 21 -17.52 -14.64 -1.62
N CYS B 22 -18.18 -15.23 -0.63
CA CYS B 22 -17.55 -15.65 0.63
C CYS B 22 -18.13 -16.99 1.05
N LYS B 23 -17.41 -18.06 0.70
CA LYS B 23 -17.85 -19.42 1.02
C LYS B 23 -17.42 -19.82 2.42
N ALA B 24 -18.41 -20.08 3.27
CA ALA B 24 -18.21 -20.45 4.67
C ALA B 24 -18.30 -21.96 4.87
N SER B 25 -17.37 -22.51 5.64
CA SER B 25 -17.41 -23.91 6.05
C SER B 25 -16.99 -24.07 7.52
N GLY B 26 -17.34 -25.22 8.10
CA GLY B 26 -16.87 -25.59 9.44
C GLY B 26 -17.71 -25.10 10.60
N TYR B 27 -18.85 -24.50 10.31
CA TYR B 27 -19.82 -24.06 11.30
C TYR B 27 -21.22 -24.01 10.69
N THR B 28 -22.25 -23.96 11.54
CA THR B 28 -23.65 -23.84 11.11
C THR B 28 -23.87 -22.45 10.50
N PHE B 29 -23.99 -22.43 9.17
CA PHE B 29 -24.02 -21.22 8.34
C PHE B 29 -25.01 -20.14 8.79
N THR B 30 -26.22 -20.54 9.14
CA THR B 30 -27.30 -19.60 9.48
C THR B 30 -27.19 -19.03 10.90
N SER B 31 -26.27 -19.57 11.70
CA SER B 31 -26.14 -19.21 13.12
C SER B 31 -25.26 -17.98 13.41
N TYR B 32 -24.54 -17.49 12.40
CA TYR B 32 -23.62 -16.36 12.58
C TYR B 32 -23.82 -15.29 11.50
N TYR B 33 -23.82 -14.02 11.92
CA TYR B 33 -23.90 -12.90 10.97
C TYR B 33 -22.62 -12.76 10.16
N MET B 34 -22.75 -12.20 8.95
CA MET B 34 -21.60 -11.91 8.10
C MET B 34 -21.56 -10.44 7.71
N HIS B 35 -20.40 -9.83 7.96
CA HIS B 35 -20.11 -8.44 7.61
C HIS B 35 -19.25 -8.37 6.36
N TRP B 36 -19.20 -7.20 5.74
CA TRP B 36 -18.19 -6.88 4.74
C TRP B 36 -17.46 -5.60 5.12
N VAL B 37 -16.13 -5.66 5.03
CA VAL B 37 -15.22 -4.57 5.38
C VAL B 37 -14.19 -4.45 4.25
N ARG B 38 -13.94 -3.22 3.80
CA ARG B 38 -12.97 -2.95 2.75
C ARG B 38 -11.75 -2.18 3.27
N GLN B 39 -10.63 -2.29 2.55
CA GLN B 39 -9.46 -1.46 2.80
C GLN B 39 -8.85 -1.03 1.46
N ALA B 40 -9.00 0.26 1.17
CA ALA B 40 -8.37 0.91 0.02
C ALA B 40 -6.85 1.00 0.25
N PRO B 41 -6.04 0.85 -0.82
CA PRO B 41 -4.56 0.91 -0.74
C PRO B 41 -3.99 2.02 0.15
N GLY B 42 -4.57 3.22 0.07
CA GLY B 42 -4.16 4.35 0.91
C GLY B 42 -5.21 4.79 1.93
N GLN B 43 -5.74 3.83 2.69
CA GLN B 43 -6.75 4.11 3.71
C GLN B 43 -6.85 3.02 4.80
N GLY B 44 -7.71 3.26 5.80
CA GLY B 44 -7.98 2.31 6.87
C GLY B 44 -9.09 1.35 6.53
N LEU B 45 -9.51 0.55 7.51
CA LEU B 45 -10.64 -0.37 7.35
C LEU B 45 -11.95 0.41 7.30
N GLU B 46 -12.82 0.01 6.38
CA GLU B 46 -14.11 0.67 6.17
C GLU B 46 -15.25 -0.35 6.16
N TRP B 47 -16.19 -0.19 7.09
CA TRP B 47 -17.36 -1.06 7.20
C TRP B 47 -18.36 -0.78 6.09
N MET B 48 -18.86 -1.86 5.47
CA MET B 48 -19.83 -1.76 4.37
C MET B 48 -21.25 -2.16 4.75
N GLY B 49 -21.37 -3.09 5.69
CA GLY B 49 -22.68 -3.58 6.11
C GLY B 49 -22.69 -4.98 6.70
N ILE B 50 -23.90 -5.44 7.02
CA ILE B 50 -24.12 -6.74 7.66
C ILE B 50 -25.30 -7.50 7.03
N ILE B 51 -25.15 -8.82 6.94
CA ILE B 51 -26.26 -9.72 6.57
C ILE B 51 -26.45 -10.83 7.61
N ASN B 52 -27.71 -11.08 7.97
CA ASN B 52 -28.10 -12.22 8.79
C ASN B 52 -28.54 -13.36 7.86
N PRO B 53 -27.71 -14.42 7.72
CA PRO B 53 -27.96 -15.56 6.82
C PRO B 53 -29.24 -16.33 7.11
N SER B 54 -29.75 -16.22 8.34
CA SER B 54 -31.06 -16.74 8.70
C SER B 54 -32.12 -15.66 8.43
N GLY B 55 -32.75 -15.75 7.26
CA GLY B 55 -33.79 -14.79 6.85
C GLY B 55 -33.34 -13.83 5.75
N GLY B 56 -32.05 -13.49 5.75
CA GLY B 56 -31.44 -12.68 4.69
C GLY B 56 -31.54 -11.17 4.86
N SER B 57 -31.96 -10.71 6.04
CA SER B 57 -32.09 -9.28 6.31
C SER B 57 -30.74 -8.57 6.39
N THR B 58 -30.71 -7.33 5.90
CA THR B 58 -29.47 -6.58 5.73
C THR B 58 -29.54 -5.19 6.36
N SER B 59 -28.37 -4.71 6.79
CA SER B 59 -28.19 -3.32 7.23
C SER B 59 -26.87 -2.84 6.65
N TYR B 60 -26.95 -1.81 5.81
CA TYR B 60 -25.78 -1.26 5.12
C TYR B 60 -25.29 0.04 5.74
N ALA B 61 -24.00 0.33 5.56
CA ALA B 61 -23.40 1.61 5.95
C ALA B 61 -23.92 2.74 5.07
N GLN B 62 -24.07 3.92 5.66
CA GLN B 62 -24.66 5.11 5.02
C GLN B 62 -24.10 5.44 3.64
N LYS B 63 -22.77 5.41 3.54
CA LYS B 63 -22.05 5.76 2.31
C LYS B 63 -22.24 4.77 1.14
N PHE B 64 -22.70 3.56 1.45
CA PHE B 64 -22.92 2.52 0.43
C PHE B 64 -24.41 2.24 0.15
N GLN B 65 -25.28 2.97 0.82
CA GLN B 65 -26.73 2.86 0.65
C GLN B 65 -27.16 3.16 -0.79
N GLY B 66 -27.78 2.16 -1.42
CA GLY B 66 -28.20 2.25 -2.81
C GLY B 66 -27.15 1.80 -3.81
N ARG B 67 -26.00 1.36 -3.30
CA ARG B 67 -24.87 0.92 -4.12
C ARG B 67 -24.46 -0.52 -3.84
N VAL B 68 -24.70 -0.97 -2.61
CA VAL B 68 -24.29 -2.32 -2.15
C VAL B 68 -25.50 -3.25 -1.96
N THR B 69 -25.34 -4.50 -2.41
CA THR B 69 -26.35 -5.55 -2.19
C THR B 69 -25.69 -6.79 -1.61
N MET B 70 -26.18 -7.20 -0.45
CA MET B 70 -25.72 -8.41 0.22
C MET B 70 -26.78 -9.50 0.19
N THR B 71 -26.38 -10.67 -0.29
CA THR B 71 -27.24 -11.85 -0.36
C THR B 71 -26.53 -13.07 0.22
N ARG B 72 -27.29 -14.12 0.49
CA ARG B 72 -26.73 -15.43 0.86
C ARG B 72 -27.43 -16.58 0.16
N ASP B 73 -26.68 -17.67 -0.04
CA ASP B 73 -27.22 -18.94 -0.52
C ASP B 73 -26.95 -19.99 0.57
N THR B 74 -28.01 -20.40 1.26
CA THR B 74 -27.94 -21.33 2.40
C THR B 74 -27.47 -22.73 1.98
N SER B 75 -27.89 -23.16 0.79
CA SER B 75 -27.55 -24.48 0.26
C SER B 75 -26.06 -24.65 -0.10
N THR B 76 -25.39 -23.54 -0.44
CA THR B 76 -23.94 -23.55 -0.75
C THR B 76 -23.08 -22.90 0.35
N SER B 77 -23.74 -22.36 1.38
CA SER B 77 -23.09 -21.63 2.49
C SER B 77 -22.21 -20.46 2.00
N THR B 78 -22.75 -19.67 1.07
CA THR B 78 -22.01 -18.58 0.45
C THR B 78 -22.73 -17.24 0.68
N VAL B 79 -21.94 -16.25 1.09
CA VAL B 79 -22.41 -14.87 1.23
C VAL B 79 -21.87 -14.07 0.05
N TYR B 80 -22.72 -13.27 -0.58
CA TYR B 80 -22.34 -12.44 -1.72
C TYR B 80 -22.41 -10.95 -1.40
N MET B 81 -21.48 -10.20 -1.98
CA MET B 81 -21.47 -8.75 -1.90
C MET B 81 -21.37 -8.18 -3.30
N GLU B 82 -22.38 -7.40 -3.68
CA GLU B 82 -22.41 -6.74 -4.98
C GLU B 82 -22.29 -5.23 -4.82
N LEU B 83 -21.31 -4.64 -5.48
CA LEU B 83 -21.13 -3.20 -5.46
C LEU B 83 -21.24 -2.61 -6.87
N SER B 84 -22.25 -1.76 -7.06
CA SER B 84 -22.61 -1.21 -8.36
C SER B 84 -22.13 0.23 -8.55
N SER B 85 -22.16 0.69 -9.80
CA SER B 85 -21.69 2.03 -10.23
C SER B 85 -20.29 2.33 -9.68
N LEU B 86 -19.35 1.45 -10.02
CA LEU B 86 -18.00 1.50 -9.48
C LEU B 86 -17.23 2.75 -9.90
N ARG B 87 -16.42 3.25 -8.99
CA ARG B 87 -15.51 4.38 -9.23
C ARG B 87 -14.10 4.02 -8.76
N SER B 88 -13.11 4.80 -9.18
CA SER B 88 -11.70 4.56 -8.83
C SER B 88 -11.45 4.45 -7.32
N GLU B 89 -12.25 5.17 -6.53
CA GLU B 89 -12.19 5.10 -5.05
C GLU B 89 -12.65 3.75 -4.47
N ASP B 90 -13.27 2.92 -5.31
CA ASP B 90 -13.69 1.56 -4.90
C ASP B 90 -12.58 0.52 -5.04
N THR B 91 -11.43 0.93 -5.57
CA THR B 91 -10.23 0.08 -5.58
C THR B 91 -9.86 -0.19 -4.13
N ALA B 92 -9.97 -1.46 -3.75
CA ALA B 92 -9.80 -1.90 -2.37
C ALA B 92 -9.73 -3.43 -2.28
N VAL B 93 -9.22 -3.90 -1.14
CA VAL B 93 -9.35 -5.31 -0.76
C VAL B 93 -10.63 -5.43 0.08
N TYR B 94 -11.51 -6.34 -0.36
CA TYR B 94 -12.82 -6.56 0.26
C TYR B 94 -12.80 -7.84 1.09
N TYR B 95 -13.14 -7.71 2.36
CA TYR B 95 -13.17 -8.84 3.30
C TYR B 95 -14.59 -9.16 3.73
N CYS B 96 -14.90 -10.45 3.81
CA CYS B 96 -16.04 -10.89 4.61
C CYS B 96 -15.53 -11.21 6.02
N ALA B 97 -16.36 -10.92 7.02
CA ALA B 97 -15.98 -11.07 8.42
C ALA B 97 -17.16 -11.56 9.26
N ARG B 98 -16.96 -12.67 9.96
CA ARG B 98 -17.99 -13.32 10.77
C ARG B 98 -18.19 -12.63 12.12
N ASP B 99 -19.44 -12.60 12.58
CA ASP B 99 -19.81 -11.98 13.86
C ASP B 99 -20.80 -12.84 14.65
N ASP B 100 -20.40 -13.20 15.87
CA ASP B 100 -21.22 -13.95 16.82
C ASP B 100 -22.47 -13.13 17.22
N PRO B 101 -23.68 -13.70 17.04
CA PRO B 101 -24.94 -12.99 17.33
C PRO B 101 -25.20 -12.73 18.83
N GLY B 102 -24.51 -13.49 19.69
CA GLY B 102 -24.64 -13.33 21.14
C GLY B 102 -24.04 -12.04 21.64
N GLY B 103 -24.85 -11.25 22.33
CA GLY B 103 -24.42 -9.96 22.87
C GLY B 103 -25.09 -8.77 22.20
N GLY B 104 -25.06 -8.76 20.87
CA GLY B 104 -25.58 -7.64 20.07
C GLY B 104 -24.47 -6.75 19.54
N GLU B 105 -23.38 -6.67 20.31
CA GLU B 105 -22.17 -5.92 19.98
C GLU B 105 -21.50 -6.48 18.71
N TYR B 106 -21.35 -5.63 17.68
CA TYR B 106 -20.68 -6.04 16.45
C TYR B 106 -19.16 -6.01 16.60
N TYR B 107 -18.57 -7.19 16.59
CA TYR B 107 -17.13 -7.37 16.43
C TYR B 107 -16.85 -8.71 15.73
N PHE B 108 -15.65 -8.84 15.18
CA PHE B 108 -15.36 -9.92 14.23
C PHE B 108 -14.43 -10.95 14.81
N ASP B 109 -14.72 -12.22 14.55
CA ASP B 109 -13.87 -13.32 15.03
C ASP B 109 -13.06 -13.99 13.93
N TYR B 110 -13.68 -14.22 12.77
CA TYR B 110 -13.03 -14.87 11.63
C TYR B 110 -13.24 -14.10 10.33
N TRP B 111 -12.17 -13.94 9.56
CA TRP B 111 -12.18 -13.17 8.32
C TRP B 111 -11.91 -14.06 7.12
N GLY B 112 -12.36 -13.61 5.95
CA GLY B 112 -11.91 -14.16 4.67
C GLY B 112 -10.52 -13.64 4.33
N GLN B 113 -9.94 -14.15 3.25
CA GLN B 113 -8.58 -13.78 2.85
C GLN B 113 -8.50 -12.41 2.15
N GLY B 114 -9.66 -11.89 1.76
CA GLY B 114 -9.74 -10.62 1.04
C GLY B 114 -9.75 -10.81 -0.46
N THR B 115 -10.48 -9.92 -1.14
CA THR B 115 -10.57 -9.91 -2.59
C THR B 115 -10.22 -8.52 -3.10
N LEU B 116 -9.17 -8.44 -3.91
CA LEU B 116 -8.80 -7.18 -4.55
C LEU B 116 -9.71 -6.92 -5.73
N VAL B 117 -10.38 -5.77 -5.69
CA VAL B 117 -11.14 -5.24 -6.81
C VAL B 117 -10.44 -3.97 -7.27
N THR B 118 -10.06 -3.93 -8.54
CA THR B 118 -9.44 -2.75 -9.13
C THR B 118 -10.40 -2.14 -10.13
N VAL B 119 -10.72 -0.86 -9.92
CA VAL B 119 -11.59 -0.11 -10.81
C VAL B 119 -10.74 0.86 -11.62
N SER B 120 -10.77 0.68 -12.94
CA SER B 120 -9.92 1.41 -13.88
C SER B 120 -10.54 1.45 -15.28
N SER B 121 -10.39 2.61 -15.93
CA SER B 121 -10.82 2.80 -17.32
C SER B 121 -9.91 2.07 -18.32
N ALA B 122 -8.73 1.66 -17.87
CA ALA B 122 -7.72 1.02 -18.70
C ALA B 122 -8.10 -0.38 -19.16
N SER B 123 -7.72 -0.69 -20.40
CA SER B 123 -7.73 -2.05 -20.91
C SER B 123 -6.30 -2.60 -20.86
N THR B 124 -6.11 -3.86 -21.25
CA THR B 124 -4.78 -4.49 -21.28
C THR B 124 -3.79 -3.67 -22.10
N LYS B 125 -2.64 -3.37 -21.50
CA LYS B 125 -1.61 -2.52 -22.11
C LYS B 125 -0.24 -2.89 -21.57
N GLY B 126 0.70 -3.11 -22.49
CA GLY B 126 2.09 -3.36 -22.14
C GLY B 126 2.82 -2.11 -21.67
N PRO B 127 3.85 -2.29 -20.82
CA PRO B 127 4.60 -1.11 -20.36
C PRO B 127 5.61 -0.66 -21.38
N SER B 128 5.85 0.65 -21.42
CA SER B 128 7.04 1.20 -22.05
C SER B 128 8.16 1.10 -21.03
N VAL B 129 9.34 0.71 -21.48
CA VAL B 129 10.48 0.52 -20.60
C VAL B 129 11.50 1.62 -20.88
N PHE B 130 11.54 2.61 -20.00
CA PHE B 130 12.43 3.75 -20.14
C PHE B 130 13.67 3.58 -19.26
N PRO B 131 14.86 3.91 -19.80
CA PRO B 131 16.07 3.81 -18.98
C PRO B 131 16.16 4.93 -17.95
N LEU B 132 16.68 4.60 -16.78
CA LEU B 132 17.04 5.61 -15.78
C LEU B 132 18.56 5.64 -15.73
N ALA B 133 19.13 6.58 -16.48
CA ALA B 133 20.57 6.67 -16.72
C ALA B 133 21.36 6.77 -15.41
N PRO B 134 22.50 6.05 -15.32
CA PRO B 134 23.31 6.05 -14.09
C PRO B 134 23.61 7.45 -13.57
N SER B 135 23.34 7.64 -12.29
CA SER B 135 23.58 8.91 -11.61
C SER B 135 24.30 8.63 -10.30
N SER B 136 25.20 9.54 -9.92
CA SER B 136 25.99 9.43 -8.70
C SER B 136 25.10 9.30 -7.47
N LYS B 137 25.27 8.19 -6.77
CA LYS B 137 24.57 7.94 -5.50
C LYS B 137 25.46 8.48 -4.36
N SER B 138 26.71 8.05 -4.35
CA SER B 138 27.74 8.55 -3.43
C SER B 138 29.07 8.64 -4.17
N THR B 139 29.61 9.86 -4.25
CA THR B 139 30.91 10.09 -4.90
C THR B 139 32.09 9.65 -4.02
N SER B 140 31.92 9.72 -2.69
CA SER B 140 32.91 9.19 -1.75
C SER B 140 32.87 7.66 -1.69
N GLY B 141 31.65 7.11 -1.64
CA GLY B 141 31.43 5.66 -1.64
C GLY B 141 31.63 5.00 -3.01
N GLY B 142 31.67 5.82 -4.06
CA GLY B 142 31.90 5.34 -5.43
C GLY B 142 30.79 4.49 -5.97
N THR B 143 29.55 4.83 -5.61
CA THR B 143 28.37 4.12 -6.09
C THR B 143 27.52 4.97 -7.01
N ALA B 144 26.89 4.29 -7.97
CA ALA B 144 25.94 4.91 -8.88
C ALA B 144 24.62 4.15 -8.81
N ALA B 145 23.53 4.87 -9.00
CA ALA B 145 22.21 4.27 -9.12
C ALA B 145 21.73 4.39 -10.55
N LEU B 146 21.29 3.27 -11.10
CA LEU B 146 20.68 3.21 -12.42
C LEU B 146 19.42 2.35 -12.33
N GLY B 147 18.54 2.51 -13.29
CA GLY B 147 17.32 1.73 -13.30
C GLY B 147 16.53 1.72 -14.58
N CYS B 148 15.30 1.21 -14.45
CA CYS B 148 14.33 1.19 -15.52
C CYS B 148 12.99 1.63 -14.98
N LEU B 149 12.32 2.51 -15.73
CA LEU B 149 10.96 2.91 -15.45
C LEU B 149 10.02 2.07 -16.31
N VAL B 150 9.20 1.26 -15.63
CA VAL B 150 8.26 0.34 -16.26
C VAL B 150 6.89 1.01 -16.20
N LYS B 151 6.58 1.75 -17.26
CA LYS B 151 5.52 2.77 -17.23
C LYS B 151 4.30 2.44 -18.08
N ASP B 152 3.12 2.72 -17.51
CA ASP B 152 1.82 2.69 -18.20
C ASP B 152 1.40 1.31 -18.68
N TYR B 153 1.24 0.40 -17.72
CA TYR B 153 0.81 -0.95 -18.03
C TYR B 153 -0.46 -1.33 -17.29
N PHE B 154 -1.15 -2.35 -17.81
CA PHE B 154 -2.37 -2.88 -17.22
C PHE B 154 -2.62 -4.29 -17.78
N PRO B 155 -3.03 -5.26 -16.94
CA PRO B 155 -3.09 -5.12 -15.48
C PRO B 155 -1.78 -5.57 -14.82
N GLU B 156 -1.80 -5.76 -13.50
CA GLU B 156 -0.71 -6.44 -12.79
C GLU B 156 -0.72 -7.94 -13.18
N PRO B 157 0.42 -8.64 -13.14
CA PRO B 157 1.70 -8.12 -12.68
C PRO B 157 2.74 -7.93 -13.79
N VAL B 158 3.91 -7.43 -13.42
CA VAL B 158 5.07 -7.36 -14.30
C VAL B 158 6.27 -7.99 -13.59
N THR B 159 7.15 -8.63 -14.35
CA THR B 159 8.40 -9.18 -13.82
C THR B 159 9.57 -8.33 -14.32
N VAL B 160 10.47 -8.00 -13.39
CA VAL B 160 11.73 -7.34 -13.73
C VAL B 160 12.90 -8.13 -13.16
N SER B 161 13.87 -8.42 -14.02
CA SER B 161 15.17 -8.90 -13.59
C SER B 161 16.26 -8.05 -14.23
N TRP B 162 17.50 -8.27 -13.81
CA TRP B 162 18.65 -7.57 -14.39
C TRP B 162 19.68 -8.58 -14.89
N ASN B 163 20.21 -8.30 -16.08
CA ASN B 163 21.14 -9.19 -16.79
C ASN B 163 20.71 -10.67 -16.77
N SER B 164 19.43 -10.89 -17.12
CA SER B 164 18.77 -12.21 -17.16
C SER B 164 18.85 -13.02 -15.85
N GLY B 165 18.86 -12.30 -14.73
CA GLY B 165 18.93 -12.92 -13.39
C GLY B 165 20.33 -13.04 -12.81
N ALA B 166 21.35 -12.64 -13.58
CA ALA B 166 22.76 -12.67 -13.11
C ALA B 166 23.07 -11.61 -12.06
N LEU B 167 22.36 -10.48 -12.12
CA LEU B 167 22.57 -9.37 -11.20
C LEU B 167 21.42 -9.27 -10.18
N THR B 168 21.74 -9.53 -8.91
CA THR B 168 20.76 -9.43 -7.81
C THR B 168 21.21 -8.51 -6.68
N SER B 169 22.53 -8.35 -6.51
CA SER B 169 23.11 -7.50 -5.47
C SER B 169 22.79 -6.03 -5.70
N GLY B 170 22.20 -5.40 -4.68
CA GLY B 170 21.81 -4.00 -4.76
C GLY B 170 20.66 -3.70 -5.71
N VAL B 171 19.90 -4.74 -6.08
CA VAL B 171 18.70 -4.59 -6.89
C VAL B 171 17.51 -4.32 -5.97
N HIS B 172 16.73 -3.29 -6.29
CA HIS B 172 15.46 -3.07 -5.64
C HIS B 172 14.38 -2.77 -6.66
N THR B 173 13.33 -3.58 -6.64
CA THR B 173 12.17 -3.37 -7.50
C THR B 173 11.00 -2.91 -6.64
N PHE B 174 10.48 -1.74 -6.98
CA PHE B 174 9.41 -1.08 -6.22
C PHE B 174 8.03 -1.67 -6.49
N PRO B 175 7.10 -1.57 -5.52
CA PRO B 175 5.71 -1.88 -5.82
C PRO B 175 5.13 -0.87 -6.80
N ALA B 176 4.18 -1.30 -7.62
CA ALA B 176 3.55 -0.43 -8.62
C ALA B 176 2.70 0.67 -7.99
N VAL B 177 2.62 1.81 -8.66
CA VAL B 177 1.60 2.82 -8.36
C VAL B 177 0.48 2.69 -9.39
N LEU B 178 -0.78 2.84 -8.94
CA LEU B 178 -1.90 2.99 -9.83
C LEU B 178 -2.16 4.48 -10.04
N GLN B 179 -1.82 4.95 -11.23
CA GLN B 179 -1.89 6.37 -11.58
C GLN B 179 -3.33 6.83 -11.84
N SER B 180 -3.53 8.14 -11.94
CA SER B 180 -4.85 8.73 -12.19
C SER B 180 -5.45 8.31 -13.55
N SER B 181 -4.58 7.98 -14.50
CA SER B 181 -4.97 7.45 -15.81
C SER B 181 -5.55 6.03 -15.74
N GLY B 182 -5.38 5.38 -14.59
CA GLY B 182 -5.84 4.00 -14.40
C GLY B 182 -4.83 2.95 -14.85
N LEU B 183 -3.63 3.41 -15.19
CA LEU B 183 -2.53 2.55 -15.62
C LEU B 183 -1.48 2.45 -14.53
N TYR B 184 -0.91 1.25 -14.37
CA TYR B 184 0.16 1.01 -13.39
C TYR B 184 1.51 1.52 -13.87
N SER B 185 2.37 1.82 -12.91
CA SER B 185 3.76 2.15 -13.19
C SER B 185 4.64 1.69 -12.03
N LEU B 186 5.78 1.07 -12.35
CA LEU B 186 6.79 0.75 -11.35
C LEU B 186 8.21 1.07 -11.81
N SER B 187 9.15 1.04 -10.85
CA SER B 187 10.57 1.21 -11.10
C SER B 187 11.37 0.06 -10.53
N SER B 188 12.49 -0.23 -11.17
CA SER B 188 13.49 -1.16 -10.65
C SER B 188 14.85 -0.46 -10.73
N VAL B 189 15.56 -0.42 -9.61
CA VAL B 189 16.86 0.25 -9.52
C VAL B 189 17.99 -0.70 -9.06
N VAL B 190 19.21 -0.40 -9.50
CA VAL B 190 20.42 -1.12 -9.07
C VAL B 190 21.49 -0.13 -8.62
N THR B 191 22.00 -0.35 -7.41
CA THR B 191 23.21 0.33 -6.92
C THR B 191 24.42 -0.47 -7.43
N VAL B 192 25.23 0.19 -8.25
CA VAL B 192 26.42 -0.41 -8.88
C VAL B 192 27.69 0.38 -8.53
N PRO B 193 28.89 -0.21 -8.68
CA PRO B 193 30.10 0.60 -8.55
C PRO B 193 30.22 1.58 -9.72
N SER B 194 30.59 2.83 -9.44
CA SER B 194 30.80 3.86 -10.47
C SER B 194 31.83 3.42 -11.52
N SER B 195 32.86 2.70 -11.07
CA SER B 195 33.94 2.21 -11.92
C SER B 195 33.53 1.11 -12.91
N SER B 196 32.36 0.52 -12.72
CA SER B 196 31.84 -0.50 -13.62
C SER B 196 31.08 0.10 -14.82
N LEU B 197 30.76 1.40 -14.72
CA LEU B 197 30.03 2.10 -15.78
C LEU B 197 30.89 2.30 -17.01
N GLY B 198 30.44 1.77 -18.15
CA GLY B 198 31.22 1.81 -19.39
C GLY B 198 32.00 0.55 -19.70
N THR B 199 32.20 -0.30 -18.69
CA THR B 199 32.78 -1.64 -18.90
C THR B 199 31.73 -2.75 -18.75
N GLN B 200 30.94 -2.68 -17.68
CA GLN B 200 29.86 -3.65 -17.42
C GLN B 200 28.54 -3.17 -18.03
N THR B 201 27.89 -4.05 -18.77
CA THR B 201 26.59 -3.75 -19.39
C THR B 201 25.42 -4.08 -18.45
N TYR B 202 24.43 -3.19 -18.43
CA TYR B 202 23.25 -3.34 -17.58
C TYR B 202 21.98 -3.32 -18.41
N ILE B 203 21.23 -4.42 -18.32
CA ILE B 203 20.01 -4.64 -19.10
C ILE B 203 18.91 -5.07 -18.13
N CYS B 204 17.80 -4.34 -18.12
CA CYS B 204 16.62 -4.77 -17.37
C CYS B 204 15.72 -5.61 -18.26
N ASN B 205 15.35 -6.78 -17.75
CA ASN B 205 14.49 -7.71 -18.47
C ASN B 205 13.09 -7.55 -17.90
N VAL B 206 12.19 -7.05 -18.73
CA VAL B 206 10.82 -6.74 -18.33
C VAL B 206 9.87 -7.70 -19.02
N ASN B 207 9.06 -8.38 -18.22
CA ASN B 207 8.04 -9.27 -18.77
C ASN B 207 6.64 -8.98 -18.24
N HIS B 208 5.75 -8.63 -19.17
CA HIS B 208 4.34 -8.39 -18.87
C HIS B 208 3.51 -9.38 -19.69
N LYS B 209 3.20 -10.53 -19.08
CA LYS B 209 2.52 -11.64 -19.76
C LYS B 209 1.11 -11.34 -20.32
N PRO B 210 0.26 -10.56 -19.60
CA PRO B 210 -1.07 -10.24 -20.17
C PRO B 210 -1.07 -9.54 -21.53
N SER B 211 -0.01 -8.78 -21.82
CA SER B 211 0.10 -8.04 -23.09
C SER B 211 1.17 -8.60 -24.03
N ASN B 212 1.68 -9.80 -23.73
CA ASN B 212 2.74 -10.44 -24.53
C ASN B 212 3.92 -9.47 -24.81
N THR B 213 4.32 -8.75 -23.76
CA THR B 213 5.39 -7.75 -23.86
C THR B 213 6.62 -8.20 -23.07
N LYS B 214 7.65 -8.59 -23.82
CA LYS B 214 8.95 -8.91 -23.24
C LYS B 214 10.00 -7.97 -23.83
N VAL B 215 10.62 -7.18 -22.94
CA VAL B 215 11.56 -6.14 -23.33
C VAL B 215 12.87 -6.30 -22.53
N ASP B 216 13.98 -6.24 -23.26
CA ASP B 216 15.31 -6.24 -22.65
C ASP B 216 15.98 -4.91 -22.97
N LYS B 217 15.96 -4.01 -21.99
CA LYS B 217 16.39 -2.63 -22.21
C LYS B 217 17.76 -2.32 -21.58
N LYS B 218 18.73 -2.03 -22.44
CA LYS B 218 20.07 -1.65 -22.00
C LYS B 218 20.05 -0.23 -21.43
N VAL B 219 20.64 -0.08 -20.25
CA VAL B 219 20.74 1.21 -19.57
C VAL B 219 22.17 1.74 -19.75
N GLU B 220 22.34 2.61 -20.74
CA GLU B 220 23.63 3.21 -21.09
C GLU B 220 23.96 4.41 -20.20
N PRO B 221 25.26 4.60 -19.86
CA PRO B 221 25.67 5.81 -19.14
C PRO B 221 25.45 7.09 -19.97
N LYS B 222 25.27 8.21 -19.27
CA LYS B 222 25.12 9.53 -19.89
C LYS B 222 26.38 9.91 -20.66
N SER B 223 26.19 10.38 -21.89
CA SER B 223 27.29 10.84 -22.75
C SER B 223 26.75 11.79 -23.80
N CYS B 224 27.48 12.88 -24.04
CA CYS B 224 27.16 13.84 -25.10
C CYS B 224 27.58 13.29 -26.46
CA CA C . -21.95 -9.88 18.27
#